data_6Z34
#
_entry.id   6Z34
#
_cell.length_a   78.890
_cell.length_b   87.580
_cell.length_c   132.780
_cell.angle_alpha   90.000
_cell.angle_beta   90.000
_cell.angle_gamma   90.000
#
_symmetry.space_group_name_H-M   'I 2 2 2'
#
loop_
_entity.id
_entity.type
_entity.pdbx_description
1 polymer CymD
2 water water
#
_entity_poly.entity_id   1
_entity_poly.type   'polypeptide(L)'
_entity_poly.pdbx_seq_one_letter_code
;TDAFNLVGVGPVSQGMGGIGAAFNIGAQGMMLNPATLTQMQEGMHLGLGMDIITAELEVKNTATGEKADSHSRGRNNGPY
VAPELSLVWRGERYALGVGAFASDGVGTQFGDTSFLSRTTTNNLNTGLENYSRLIVLRIPFSAAYQVNEKLSVGASLDAV
WTSVNLGLLLDTTQIGTLVGQGQVSGSLMPALLSVPELSAGYLSADNHRASGGGVDSWGIGGRLGLTYQLTPKTRVGIVY
NFKTHVGDLSGNADLTAVSAVAGNIPLSGELKLHNFEMPASLVAGISHEFSDQFAVAFDYKRVYWSDVMDDIEVNFKQKA
TGDTINLKLPFNYRDTNVYSLGAQYRYGANWVFRAGVHYAQLANPSSGTMPIIPSTPTTSLSGGFSYAFSPEDVVDFSLA
YGFKKKVSNDSLPITDKPIEVSHSQIVTSISYTKSFHHHHHH
;
_entity_poly.pdbx_strand_id   A
#
# COMPACT_ATOMS: atom_id res chain seq x y z
N ALA A 3 -2.61 1.53 -0.11
CA ALA A 3 -2.00 0.31 0.40
C ALA A 3 -0.48 0.48 0.50
N PHE A 4 0.11 0.94 -0.61
CA PHE A 4 1.50 1.41 -0.65
C PHE A 4 1.61 2.75 0.06
N ASN A 5 2.35 3.66 -0.55
CA ASN A 5 2.26 5.09 -0.30
C ASN A 5 2.19 5.73 -1.67
N LEU A 6 1.01 6.25 -2.05
CA LEU A 6 0.79 6.69 -3.43
C LEU A 6 1.89 7.63 -3.88
N VAL A 7 3.08 7.06 -4.08
CA VAL A 7 3.97 7.50 -5.14
C VAL A 7 3.47 6.97 -6.47
N GLY A 8 2.39 6.18 -6.46
CA GLY A 8 1.76 5.67 -7.66
C GLY A 8 1.82 4.14 -7.71
N VAL A 9 1.33 3.60 -8.82
CA VAL A 9 1.35 2.16 -9.09
C VAL A 9 2.10 1.92 -10.40
N GLY A 10 3.30 1.36 -10.31
CA GLY A 10 4.10 1.04 -11.47
C GLY A 10 5.00 2.19 -11.88
N PRO A 11 5.95 1.93 -12.77
CA PRO A 11 6.99 2.95 -13.06
C PRO A 11 6.50 4.15 -13.83
N VAL A 12 5.39 4.04 -14.56
CA VAL A 12 4.92 5.17 -15.36
C VAL A 12 4.19 6.16 -14.47
N SER A 13 3.28 5.66 -13.63
CA SER A 13 2.63 6.49 -12.62
C SER A 13 3.66 7.05 -11.63
N GLN A 14 4.53 6.19 -11.08
CA GLN A 14 5.51 6.68 -10.11
C GLN A 14 6.49 7.66 -10.73
N GLY A 15 6.89 7.44 -11.99
CA GLY A 15 7.79 8.38 -12.63
C GLY A 15 7.18 9.75 -12.79
N MET A 16 5.85 9.84 -12.73
CA MET A 16 5.11 11.08 -12.90
C MET A 16 4.44 11.50 -11.59
N GLY A 17 5.11 11.23 -10.46
CA GLY A 17 4.66 11.75 -9.18
C GLY A 17 3.41 11.11 -8.62
N GLY A 18 2.92 10.01 -9.20
CA GLY A 18 1.74 9.31 -8.67
C GLY A 18 0.44 9.46 -9.45
N ILE A 19 0.47 10.07 -10.63
CA ILE A 19 -0.79 10.31 -11.33
C ILE A 19 -1.34 9.01 -11.91
N GLY A 20 -2.60 9.02 -12.34
CA GLY A 20 -3.17 7.88 -13.03
C GLY A 20 -4.68 7.87 -13.13
N ALA A 21 -5.35 8.85 -12.52
CA ALA A 21 -6.81 8.92 -12.58
C ALA A 21 -7.32 9.05 -14.01
N ALA A 22 -6.56 9.72 -14.88
CA ALA A 22 -6.96 9.94 -16.25
C ALA A 22 -5.88 9.56 -17.25
N PHE A 23 -4.68 9.24 -16.79
CA PHE A 23 -3.55 8.97 -17.65
C PHE A 23 -3.33 7.47 -17.80
N ASN A 24 -3.08 7.03 -19.05
CA ASN A 24 -2.86 5.63 -19.34
C ASN A 24 -1.57 5.14 -18.70
N ILE A 25 -1.65 4.56 -17.51
CA ILE A 25 -0.46 4.12 -16.78
C ILE A 25 -0.20 2.66 -17.10
N GLY A 26 -0.95 2.12 -18.06
CA GLY A 26 -0.79 0.72 -18.45
C GLY A 26 -1.64 -0.21 -17.59
N ALA A 27 -1.18 -1.46 -17.51
CA ALA A 27 -1.93 -2.48 -16.78
C ALA A 27 -2.14 -2.15 -15.32
N GLN A 28 -1.23 -1.36 -14.73
CA GLN A 28 -1.40 -0.95 -13.34
C GLN A 28 -2.69 -0.17 -13.10
N GLY A 29 -3.38 0.28 -14.17
CA GLY A 29 -4.66 0.92 -13.99
C GLY A 29 -5.64 0.06 -13.20
N MET A 30 -5.51 -1.26 -13.30
CA MET A 30 -6.20 -2.21 -12.44
C MET A 30 -6.22 -1.78 -10.98
N MET A 31 -5.13 -1.16 -10.53
CA MET A 31 -4.99 -0.79 -9.13
C MET A 31 -5.12 0.70 -8.89
N LEU A 32 -5.46 1.47 -9.92
CA LEU A 32 -5.68 2.90 -9.71
C LEU A 32 -7.06 3.26 -10.23
N ASN A 33 -7.14 3.65 -11.50
CA ASN A 33 -8.44 3.84 -12.14
C ASN A 33 -8.53 2.83 -13.26
N PRO A 34 -9.25 1.73 -13.06
CA PRO A 34 -9.35 0.71 -14.11
C PRO A 34 -10.02 1.21 -15.38
N ALA A 35 -10.73 2.34 -15.35
CA ALA A 35 -11.27 2.88 -16.59
C ALA A 35 -10.16 3.20 -17.58
N THR A 36 -8.93 3.46 -17.11
CA THR A 36 -7.87 3.82 -18.03
C THR A 36 -7.39 2.65 -18.88
N LEU A 37 -7.77 1.43 -18.52
CA LEU A 37 -7.38 0.26 -19.31
C LEU A 37 -7.94 0.29 -20.72
N THR A 38 -9.06 0.98 -20.95
CA THR A 38 -9.54 1.13 -22.34
C THR A 38 -8.57 1.93 -23.21
N GLN A 39 -7.59 2.62 -22.61
CA GLN A 39 -6.55 3.34 -23.37
C GLN A 39 -5.52 2.38 -23.97
N MET A 40 -5.38 1.16 -23.43
CA MET A 40 -4.38 0.24 -23.96
C MET A 40 -4.80 -0.31 -25.32
N GLN A 41 -3.81 -0.64 -26.15
CA GLN A 41 -4.06 -1.23 -27.46
C GLN A 41 -4.71 -2.60 -27.32
N GLU A 42 -5.45 -2.98 -28.35
CA GLU A 42 -6.06 -4.30 -28.42
C GLU A 42 -4.98 -5.36 -28.50
N GLY A 43 -5.24 -6.51 -27.87
CA GLY A 43 -4.33 -7.64 -27.80
C GLY A 43 -4.21 -8.11 -26.36
N MET A 44 -3.09 -8.77 -26.06
CA MET A 44 -2.86 -9.35 -24.75
C MET A 44 -1.53 -8.86 -24.22
N HIS A 45 -1.57 -8.40 -22.98
CA HIS A 45 -0.47 -7.68 -22.36
C HIS A 45 -0.05 -8.42 -21.11
N LEU A 46 1.24 -8.65 -20.98
CA LEU A 46 1.81 -9.35 -19.84
C LEU A 46 2.84 -8.42 -19.23
N GLY A 47 2.70 -8.18 -17.94
CA GLY A 47 3.59 -7.25 -17.30
C GLY A 47 4.25 -7.88 -16.10
N LEU A 48 5.56 -7.59 -15.98
CA LEU A 48 6.43 -8.10 -14.94
C LEU A 48 7.19 -6.93 -14.41
N GLY A 49 7.20 -6.77 -13.10
CA GLY A 49 7.96 -5.67 -12.55
C GLY A 49 8.07 -5.81 -11.06
N MET A 50 8.81 -4.87 -10.46
CA MET A 50 8.95 -4.84 -9.02
C MET A 50 9.30 -3.43 -8.58
N ASP A 51 8.99 -3.17 -7.30
CA ASP A 51 9.44 -1.99 -6.59
C ASP A 51 10.52 -2.41 -5.60
N ILE A 52 11.57 -1.60 -5.52
CA ILE A 52 12.70 -1.81 -4.64
C ILE A 52 12.78 -0.60 -3.75
N ILE A 53 12.37 -0.76 -2.49
CA ILE A 53 12.25 0.33 -1.55
C ILE A 53 13.38 0.20 -0.53
N THR A 54 14.27 1.19 -0.49
CA THR A 54 15.24 1.36 0.57
C THR A 54 14.91 2.63 1.35
N ALA A 55 14.95 2.53 2.67
CA ALA A 55 14.60 3.65 3.53
C ALA A 55 15.74 3.96 4.49
N GLU A 56 15.70 5.17 5.04
CA GLU A 56 16.70 5.64 5.98
C GLU A 56 16.02 6.59 6.95
N LEU A 57 16.43 6.55 8.21
CA LEU A 57 15.79 7.37 9.22
C LEU A 57 16.86 7.99 10.11
N GLU A 58 16.91 9.32 10.12
CA GLU A 58 17.90 10.07 10.90
C GLU A 58 17.32 10.44 12.26
N VAL A 59 18.17 10.33 13.29
CA VAL A 59 17.82 10.60 14.70
C VAL A 59 16.39 10.21 15.04
N ARG A 75 13.14 -2.29 12.49
CA ARG A 75 13.27 -1.22 11.50
C ARG A 75 14.47 -1.45 10.59
N ASN A 76 14.26 -2.19 9.50
CA ASN A 76 15.31 -2.54 8.55
C ASN A 76 15.30 -1.55 7.39
N ASN A 77 16.45 -0.91 7.16
CA ASN A 77 16.59 -0.06 5.99
C ASN A 77 16.70 -0.88 4.71
N GLY A 78 17.07 -2.16 4.82
CA GLY A 78 17.45 -2.98 3.70
C GLY A 78 16.44 -3.04 2.58
N PRO A 79 16.90 -3.47 1.41
CA PRO A 79 16.04 -3.49 0.22
C PRO A 79 14.76 -4.29 0.41
N TYR A 80 13.61 -3.61 0.44
CA TYR A 80 12.33 -4.27 0.32
C TYR A 80 11.97 -4.39 -1.16
N VAL A 81 11.48 -5.56 -1.55
CA VAL A 81 11.16 -5.87 -2.92
C VAL A 81 9.68 -6.20 -2.99
N ALA A 82 8.96 -5.46 -3.83
CA ALA A 82 7.52 -5.68 -4.04
C ALA A 82 7.26 -6.03 -5.50
N PRO A 83 7.01 -7.29 -5.84
CA PRO A 83 6.73 -7.66 -7.24
C PRO A 83 5.31 -7.34 -7.66
N GLU A 84 5.15 -7.17 -8.98
CA GLU A 84 3.85 -6.93 -9.59
C GLU A 84 3.73 -7.76 -10.86
N LEU A 85 2.62 -8.48 -10.99
CA LEU A 85 2.29 -9.33 -12.12
C LEU A 85 0.99 -8.84 -12.73
N SER A 86 0.91 -8.79 -14.07
CA SER A 86 -0.36 -8.45 -14.70
C SER A 86 -0.56 -9.15 -16.03
N LEU A 87 -1.82 -9.49 -16.27
CA LEU A 87 -2.32 -10.05 -17.52
C LEU A 87 -3.56 -9.25 -17.88
N VAL A 88 -3.53 -8.57 -19.02
CA VAL A 88 -4.65 -7.76 -19.49
C VAL A 88 -5.02 -8.17 -20.91
N TRP A 89 -6.29 -8.46 -21.13
CA TRP A 89 -6.85 -8.67 -22.46
C TRP A 89 -7.65 -7.43 -22.89
N ARG A 90 -7.37 -6.93 -24.09
CA ARG A 90 -8.04 -5.76 -24.67
C ARG A 90 -8.62 -6.15 -26.01
N GLY A 91 -9.94 -6.12 -26.14
CA GLY A 91 -10.58 -6.31 -27.43
C GLY A 91 -11.85 -5.50 -27.56
N GLU A 92 -12.04 -4.92 -28.74
CA GLU A 92 -13.23 -4.13 -29.05
C GLU A 92 -13.36 -3.07 -27.96
N ARG A 93 -14.48 -3.07 -27.22
CA ARG A 93 -14.79 -2.07 -26.20
C ARG A 93 -14.40 -2.49 -24.80
N TYR A 94 -13.93 -3.72 -24.60
CA TYR A 94 -13.72 -4.26 -23.27
C TYR A 94 -12.24 -4.40 -22.99
N ALA A 95 -11.90 -4.29 -21.70
CA ALA A 95 -10.63 -4.73 -21.16
C ALA A 95 -10.92 -5.65 -20.00
N LEU A 96 -10.17 -6.75 -19.91
CA LEU A 96 -10.24 -7.70 -18.81
C LEU A 96 -8.85 -7.88 -18.25
N GLY A 97 -8.75 -7.88 -16.93
CA GLY A 97 -7.44 -7.91 -16.29
C GLY A 97 -7.47 -8.72 -15.02
N VAL A 98 -6.31 -9.26 -14.70
CA VAL A 98 -6.05 -9.84 -13.38
C VAL A 98 -4.58 -9.59 -13.09
N GLY A 99 -4.23 -9.55 -11.81
CA GLY A 99 -2.84 -9.41 -11.46
C GLY A 99 -2.57 -9.70 -10.00
N ALA A 100 -1.34 -9.48 -9.60
CA ALA A 100 -0.93 -9.64 -8.22
C ALA A 100 0.03 -8.50 -7.91
N PHE A 101 -0.37 -7.64 -6.98
CA PHE A 101 0.33 -6.43 -6.64
C PHE A 101 0.68 -6.48 -5.15
N ALA A 102 1.96 -6.44 -4.84
CA ALA A 102 2.45 -6.61 -3.49
C ALA A 102 3.02 -5.30 -2.99
N SER A 103 2.87 -5.08 -1.68
CA SER A 103 3.53 -3.97 -1.01
C SER A 103 4.17 -4.49 0.26
N ASP A 104 5.34 -3.93 0.59
CA ASP A 104 6.18 -4.36 1.69
C ASP A 104 6.77 -3.11 2.32
N GLY A 105 6.86 -3.10 3.65
CA GLY A 105 7.46 -1.99 4.37
C GLY A 105 7.24 -2.16 5.85
N VAL A 106 7.92 -1.31 6.62
CA VAL A 106 7.95 -1.42 8.07
C VAL A 106 7.67 -0.05 8.70
N GLY A 107 6.93 -0.06 9.81
CA GLY A 107 6.65 1.13 10.57
C GLY A 107 7.32 1.10 11.94
N THR A 108 7.27 2.25 12.61
CA THR A 108 7.79 2.40 13.97
C THR A 108 7.08 3.54 14.68
N LEU A 128 14.84 -5.61 20.87
CA LEU A 128 13.50 -5.38 21.42
C LEU A 128 12.91 -4.04 20.97
N GLU A 129 12.87 -3.81 19.66
CA GLU A 129 12.31 -2.60 19.09
C GLU A 129 10.79 -2.71 18.94
N ASN A 130 10.14 -1.56 18.87
CA ASN A 130 8.73 -1.51 18.47
C ASN A 130 8.66 -1.34 16.96
N TYR A 131 8.04 -2.30 16.29
CA TYR A 131 7.99 -2.25 14.83
C TYR A 131 6.78 -3.00 14.33
N SER A 132 6.42 -2.70 13.10
CA SER A 132 5.36 -3.43 12.42
C SER A 132 5.72 -3.49 10.95
N ARG A 133 5.86 -4.68 10.41
CA ARG A 133 6.02 -4.89 8.99
C ARG A 133 4.69 -5.36 8.41
N LEU A 134 4.22 -4.66 7.38
CA LEU A 134 2.94 -4.92 6.76
C LEU A 134 3.19 -5.40 5.33
N ILE A 135 2.68 -6.58 5.03
CA ILE A 135 2.69 -7.12 3.68
C ILE A 135 1.25 -7.15 3.21
N VAL A 136 0.98 -6.51 2.06
CA VAL A 136 -0.34 -6.58 1.43
C VAL A 136 -0.17 -7.05 0.00
N LEU A 137 -0.78 -8.18 -0.33
CA LEU A 137 -0.84 -8.69 -1.68
C LEU A 137 -2.27 -8.51 -2.18
N ARG A 138 -2.44 -7.71 -3.22
CA ARG A 138 -3.75 -7.45 -3.79
C ARG A 138 -3.87 -8.15 -5.14
N ILE A 139 -4.93 -8.92 -5.30
CA ILE A 139 -5.13 -9.71 -6.51
C ILE A 139 -6.40 -9.20 -7.17
N PRO A 140 -6.30 -8.23 -8.09
CA PRO A 140 -7.51 -7.67 -8.71
C PRO A 140 -8.09 -8.55 -9.78
N PHE A 141 -9.42 -8.51 -9.87
CA PHE A 141 -10.15 -9.01 -11.04
C PHE A 141 -10.85 -7.79 -11.60
N SER A 142 -10.45 -7.40 -12.81
CA SER A 142 -10.73 -6.06 -13.31
C SER A 142 -11.34 -6.14 -14.70
N ALA A 143 -12.20 -5.16 -14.98
CA ALA A 143 -12.85 -5.06 -16.27
C ALA A 143 -13.08 -3.58 -16.57
N ALA A 144 -13.12 -3.24 -17.86
CA ALA A 144 -13.38 -1.87 -18.26
C ALA A 144 -14.13 -1.88 -19.59
N TYR A 145 -14.85 -0.79 -19.84
CA TYR A 145 -15.76 -0.73 -20.97
C TYR A 145 -15.82 0.69 -21.50
N GLN A 146 -15.71 0.84 -22.82
CA GLN A 146 -15.93 2.11 -23.49
C GLN A 146 -17.42 2.26 -23.75
N VAL A 147 -18.07 3.09 -22.94
CA VAL A 147 -19.49 3.36 -23.18
C VAL A 147 -19.68 4.05 -24.52
N ASN A 148 -18.85 5.05 -24.80
CA ASN A 148 -18.86 5.71 -26.10
C ASN A 148 -17.47 6.29 -26.32
N GLU A 149 -17.37 7.20 -27.30
CA GLU A 149 -16.08 7.80 -27.64
C GLU A 149 -15.55 8.73 -26.55
N LYS A 150 -16.40 9.19 -25.64
CA LYS A 150 -15.94 10.06 -24.55
C LYS A 150 -15.87 9.37 -23.19
N LEU A 151 -16.80 8.46 -22.89
CA LEU A 151 -16.96 7.91 -21.55
C LEU A 151 -16.42 6.48 -21.47
N SER A 152 -15.54 6.24 -20.50
CA SER A 152 -15.04 4.91 -20.15
C SER A 152 -15.33 4.66 -18.67
N VAL A 153 -15.80 3.46 -18.37
CA VAL A 153 -16.00 3.01 -16.99
C VAL A 153 -15.17 1.77 -16.72
N GLY A 154 -14.85 1.55 -15.44
CA GLY A 154 -14.04 0.41 -15.03
C GLY A 154 -14.16 0.12 -13.56
N ALA A 155 -13.91 -1.14 -13.22
CA ALA A 155 -14.01 -1.59 -11.84
C ALA A 155 -13.02 -2.73 -11.63
N SER A 156 -12.64 -2.89 -10.35
CA SER A 156 -11.86 -4.05 -9.92
C SER A 156 -12.46 -4.57 -8.63
N LEU A 157 -12.33 -5.88 -8.42
CA LEU A 157 -12.59 -6.50 -7.13
C LEU A 157 -11.32 -7.20 -6.69
N ASP A 158 -10.76 -6.76 -5.56
CA ASP A 158 -9.53 -7.33 -5.05
C ASP A 158 -9.80 -8.46 -4.07
N ALA A 159 -9.15 -9.61 -4.29
CA ALA A 159 -8.83 -10.51 -3.18
C ALA A 159 -7.54 -10.00 -2.58
N VAL A 160 -7.51 -9.91 -1.24
CA VAL A 160 -6.46 -9.17 -0.53
C VAL A 160 -5.92 -10.09 0.55
N TRP A 161 -4.61 -10.34 0.52
CA TRP A 161 -3.93 -11.08 1.56
C TRP A 161 -3.06 -10.09 2.34
N THR A 162 -3.34 -9.96 3.64
CA THR A 162 -2.62 -9.05 4.52
C THR A 162 -1.80 -9.85 5.51
N SER A 163 -0.53 -9.50 5.68
CA SER A 163 0.35 -10.18 6.61
C SER A 163 1.11 -9.13 7.42
N VAL A 164 1.17 -9.30 8.75
CA VAL A 164 1.92 -8.37 9.60
C VAL A 164 2.85 -9.16 10.53
N ASN A 165 4.12 -8.78 10.53
CA ASN A 165 5.10 -9.14 11.56
C ASN A 165 5.24 -7.95 12.49
N LEU A 166 5.32 -8.21 13.79
CA LEU A 166 5.35 -7.09 14.72
C LEU A 166 6.10 -7.47 15.97
N GLY A 167 6.59 -6.43 16.64
CA GLY A 167 7.16 -6.50 17.98
C GLY A 167 6.68 -5.29 18.76
N LEU A 168 6.32 -5.50 20.01
CA LEU A 168 5.69 -4.44 20.78
C LEU A 168 6.18 -4.54 22.22
N LEU A 169 6.93 -3.53 22.67
CA LEU A 169 7.44 -3.49 24.03
C LEU A 169 6.55 -2.61 24.89
N LEU A 170 6.15 -3.15 26.03
CA LEU A 170 5.29 -2.42 26.97
C LEU A 170 5.90 -2.53 28.36
N ASP A 171 6.34 -1.38 28.89
CA ASP A 171 6.95 -1.34 30.20
C ASP A 171 5.89 -1.39 31.29
N THR A 172 6.36 -1.51 32.53
CA THR A 172 5.48 -1.70 33.66
C THR A 172 4.55 -0.51 33.86
N THR A 173 5.06 0.70 33.67
CA THR A 173 4.19 1.87 33.77
C THR A 173 3.10 1.84 32.70
N GLN A 174 3.47 1.51 31.45
CA GLN A 174 2.50 1.51 30.36
C GLN A 174 1.39 0.50 30.60
N ILE A 175 1.75 -0.70 31.06
CA ILE A 175 0.76 -1.69 31.47
C ILE A 175 -0.19 -1.09 32.51
N GLY A 176 0.36 -0.42 33.52
CA GLY A 176 -0.45 0.23 34.54
C GLY A 176 -1.41 1.30 34.04
N THR A 177 -0.89 2.28 33.30
CA THR A 177 -1.75 3.30 32.69
C THR A 177 -2.86 2.66 31.87
N LEU A 178 -2.57 1.52 31.27
CA LEU A 178 -3.50 0.81 30.41
C LEU A 178 -4.36 -0.21 31.18
N VAL A 179 -3.92 -0.64 32.37
CA VAL A 179 -4.78 -1.48 33.21
C VAL A 179 -5.80 -0.63 33.94
N GLY A 180 -5.45 0.61 34.29
CA GLY A 180 -6.39 1.49 34.95
C GLY A 180 -7.39 2.13 34.01
N GLN A 181 -7.03 2.24 32.73
CA GLN A 181 -7.92 2.77 31.70
C GLN A 181 -8.81 1.69 31.09
N GLY A 182 -8.83 0.49 31.68
CA GLY A 182 -9.63 -0.59 31.16
C GLY A 182 -9.24 -0.93 29.73
N GLN A 183 -7.93 -1.02 29.47
CA GLN A 183 -7.48 -1.41 28.15
C GLN A 183 -6.72 -2.74 28.09
N VAL A 184 -6.15 -3.21 29.19
CA VAL A 184 -5.59 -4.54 29.27
C VAL A 184 -6.54 -5.44 30.04
N SER A 185 -6.68 -6.68 29.58
CA SER A 185 -7.49 -7.64 30.32
C SER A 185 -6.83 -9.01 30.18
N GLY A 186 -7.42 -10.00 30.81
CA GLY A 186 -6.97 -11.36 30.57
C GLY A 186 -6.28 -11.91 31.80
N SER A 187 -6.47 -13.21 32.02
CA SER A 187 -5.94 -13.91 33.19
C SER A 187 -4.43 -13.91 33.26
N LEU A 188 -3.75 -13.55 32.17
CA LEU A 188 -2.29 -13.47 32.17
C LEU A 188 -1.77 -12.23 32.90
N MET A 189 -2.64 -11.24 33.16
CA MET A 189 -2.21 -10.02 33.85
C MET A 189 -1.70 -10.26 35.25
N PRO A 190 -2.46 -10.89 36.17
CA PRO A 190 -1.95 -11.01 37.55
C PRO A 190 -0.72 -11.90 37.68
N ALA A 191 -0.66 -13.00 36.91
CA ALA A 191 0.53 -13.84 36.93
C ALA A 191 1.75 -13.09 36.42
N LEU A 192 1.55 -12.14 35.50
CA LEU A 192 2.67 -11.39 34.97
C LEU A 192 3.12 -10.28 35.92
N LEU A 193 2.18 -9.55 36.51
CA LEU A 193 2.55 -8.54 37.51
C LEU A 193 3.26 -9.16 38.72
N SER A 194 3.14 -10.47 38.90
CA SER A 194 3.78 -11.16 40.01
C SER A 194 5.11 -11.81 39.60
N VAL A 195 5.59 -11.52 38.40
CA VAL A 195 6.99 -11.83 38.04
C VAL A 195 7.91 -10.88 38.82
N PRO A 196 8.86 -11.39 39.60
CA PRO A 196 9.70 -10.49 40.40
C PRO A 196 10.49 -9.53 39.54
N GLU A 197 10.53 -8.28 39.99
CA GLU A 197 11.28 -7.20 39.33
C GLU A 197 10.85 -6.99 37.89
N LEU A 198 9.58 -7.29 37.57
CA LEU A 198 9.15 -7.26 36.18
C LEU A 198 9.37 -5.86 35.60
N SER A 199 10.02 -5.81 34.45
CA SER A 199 10.40 -4.56 33.81
C SER A 199 9.67 -4.27 32.50
N ALA A 200 9.35 -5.29 31.71
CA ALA A 200 8.66 -5.05 30.45
C ALA A 200 8.11 -6.37 29.92
N GLY A 201 7.00 -6.26 29.20
CA GLY A 201 6.50 -7.36 28.39
C GLY A 201 6.81 -7.09 26.94
N TYR A 202 7.22 -8.13 26.22
CA TYR A 202 7.54 -8.02 24.81
C TYR A 202 6.67 -8.98 24.02
N LEU A 203 5.79 -8.42 23.18
CA LEU A 203 5.01 -9.22 22.23
C LEU A 203 5.76 -9.28 20.91
N SER A 204 6.12 -10.49 20.51
CA SER A 204 6.92 -10.75 19.31
C SER A 204 6.09 -11.65 18.39
N ALA A 205 5.96 -11.27 17.12
CA ALA A 205 5.13 -12.07 16.23
C ALA A 205 5.70 -11.90 14.82
N ASP A 206 6.73 -12.70 14.53
CA ASP A 206 7.60 -12.49 13.38
C ASP A 206 7.96 -13.84 12.76
N ASN A 207 7.61 -14.00 11.47
CA ASN A 207 8.03 -15.15 10.67
C ASN A 207 9.54 -15.36 10.70
N HIS A 208 10.31 -14.28 10.76
CA HIS A 208 11.75 -14.35 10.61
C HIS A 208 12.49 -14.63 11.92
N ARG A 209 11.83 -14.45 13.07
CA ARG A 209 12.48 -14.69 14.35
C ARG A 209 12.00 -15.98 15.01
N ALA A 210 10.85 -16.50 14.61
CA ALA A 210 10.31 -17.75 15.13
C ALA A 210 9.35 -18.29 14.09
N SER A 211 9.44 -19.59 13.80
CA SER A 211 8.67 -20.16 12.70
C SER A 211 7.17 -20.07 12.98
N GLY A 212 6.41 -19.69 11.97
CA GLY A 212 4.99 -19.48 12.13
C GLY A 212 4.60 -18.23 12.87
N GLY A 213 5.57 -17.40 13.29
CA GLY A 213 5.25 -16.16 13.97
C GLY A 213 4.75 -15.10 13.01
N GLY A 214 3.81 -14.31 13.48
CA GLY A 214 3.09 -13.37 12.64
C GLY A 214 1.62 -13.74 12.51
N VAL A 215 0.87 -12.85 11.85
CA VAL A 215 -0.55 -13.08 11.63
C VAL A 215 -0.87 -12.66 10.21
N ASP A 216 -2.00 -13.15 9.73
CA ASP A 216 -2.35 -13.00 8.33
C ASP A 216 -3.83 -13.26 8.17
N SER A 217 -4.34 -12.87 7.01
CA SER A 217 -5.77 -12.85 6.73
C SER A 217 -6.01 -12.56 5.26
N TRP A 218 -6.99 -13.24 4.68
CA TRP A 218 -7.57 -12.92 3.38
C TRP A 218 -8.70 -11.93 3.59
N GLY A 219 -8.85 -11.03 2.64
CA GLY A 219 -9.90 -10.03 2.74
C GLY A 219 -10.38 -9.62 1.37
N ILE A 220 -11.07 -8.49 1.27
CA ILE A 220 -11.65 -8.09 0.00
C ILE A 220 -11.64 -6.58 -0.08
N GLY A 221 -11.25 -6.06 -1.26
CA GLY A 221 -11.31 -4.66 -1.59
C GLY A 221 -11.78 -4.39 -3.03
N GLY A 222 -11.56 -3.19 -3.52
CA GLY A 222 -11.98 -2.89 -4.88
C GLY A 222 -12.05 -1.40 -5.12
N ARG A 223 -12.35 -1.06 -6.38
CA ARG A 223 -12.45 0.31 -6.84
C ARG A 223 -13.42 0.40 -8.01
N LEU A 224 -13.95 1.61 -8.21
CA LEU A 224 -14.94 1.90 -9.24
C LEU A 224 -14.64 3.30 -9.79
N GLY A 225 -14.31 3.39 -11.08
CA GLY A 225 -13.85 4.64 -11.65
C GLY A 225 -14.40 4.89 -13.03
N LEU A 226 -14.14 6.09 -13.55
CA LEU A 226 -14.52 6.44 -14.91
C LEU A 226 -13.51 7.44 -15.47
N THR A 227 -13.47 7.54 -16.80
CA THR A 227 -12.76 8.62 -17.46
C THR A 227 -13.67 9.26 -18.48
N TYR A 228 -13.46 10.55 -18.71
CA TYR A 228 -14.30 11.31 -19.64
C TYR A 228 -13.41 12.23 -20.44
N GLN A 229 -13.43 12.05 -21.77
CA GLN A 229 -12.70 12.93 -22.69
C GLN A 229 -13.60 14.11 -23.01
N LEU A 230 -13.53 15.16 -22.21
CA LEU A 230 -14.46 16.26 -22.48
C LEU A 230 -13.99 17.14 -23.63
N THR A 231 -12.68 17.22 -23.84
CA THR A 231 -11.99 17.98 -24.85
C THR A 231 -11.03 17.05 -25.57
N PRO A 232 -10.79 17.27 -26.86
CA PRO A 232 -9.86 16.38 -27.58
C PRO A 232 -8.50 16.24 -26.92
N LYS A 233 -8.01 17.24 -26.20
CA LYS A 233 -6.70 17.12 -25.56
C LYS A 233 -6.79 16.86 -24.06
N THR A 234 -7.96 16.99 -23.45
CA THR A 234 -8.09 16.97 -22.00
C THR A 234 -9.06 15.87 -21.60
N ARG A 235 -8.55 14.91 -20.84
CA ARG A 235 -9.35 13.81 -20.30
C ARG A 235 -9.42 14.01 -18.79
N VAL A 236 -10.58 13.71 -18.22
CA VAL A 236 -10.74 13.80 -16.78
C VAL A 236 -11.11 12.40 -16.27
N GLY A 237 -10.63 12.08 -15.06
CA GLY A 237 -10.84 10.76 -14.50
C GLY A 237 -11.13 10.83 -13.00
N ILE A 238 -11.97 9.90 -12.56
CA ILE A 238 -12.38 9.85 -11.16
C ILE A 238 -12.50 8.39 -10.75
N VAL A 239 -11.92 8.03 -9.60
CA VAL A 239 -12.03 6.66 -9.11
C VAL A 239 -12.23 6.69 -7.61
N TYR A 240 -13.18 5.89 -7.15
CA TYR A 240 -13.40 5.64 -5.73
C TYR A 240 -12.87 4.26 -5.35
N ASN A 241 -11.97 4.23 -4.38
CA ASN A 241 -11.38 3.00 -3.89
C ASN A 241 -12.10 2.59 -2.61
N PHE A 242 -12.62 1.37 -2.58
CA PHE A 242 -13.44 0.94 -1.47
C PHE A 242 -12.59 0.67 -0.22
N LYS A 243 -13.25 0.68 0.93
CA LYS A 243 -12.58 0.26 2.16
C LYS A 243 -12.31 -1.23 2.10
N THR A 244 -11.06 -1.61 2.37
CA THR A 244 -10.68 -3.02 2.29
C THR A 244 -11.02 -3.69 3.61
N HIS A 245 -11.92 -4.67 3.59
CA HIS A 245 -12.21 -5.40 4.82
C HIS A 245 -11.27 -6.60 4.93
N VAL A 246 -10.21 -6.45 5.74
CA VAL A 246 -9.22 -7.53 5.81
C VAL A 246 -9.66 -8.65 6.75
N GLY A 247 -10.49 -8.38 7.74
CA GLY A 247 -10.91 -9.43 8.66
C GLY A 247 -9.81 -9.87 9.63
N ASP A 248 -10.19 -10.79 10.51
CA ASP A 248 -9.37 -11.15 11.67
C ASP A 248 -8.04 -11.78 11.24
N LEU A 249 -6.94 -11.11 11.58
CA LEU A 249 -5.60 -11.66 11.35
C LEU A 249 -5.21 -12.57 12.51
N SER A 250 -4.88 -13.84 12.21
CA SER A 250 -4.54 -14.81 13.22
C SER A 250 -3.18 -15.44 12.90
N GLY A 251 -2.57 -16.01 13.94
CA GLY A 251 -1.23 -16.56 13.84
C GLY A 251 -0.64 -16.80 15.22
N ASN A 252 0.69 -16.78 15.28
CA ASN A 252 1.44 -17.13 16.47
C ASN A 252 2.30 -15.96 16.92
N ALA A 253 2.57 -15.92 18.23
CA ALA A 253 3.33 -14.85 18.84
C ALA A 253 3.92 -15.35 20.13
N ASP A 254 5.00 -14.69 20.56
CA ASP A 254 5.61 -14.92 21.85
C ASP A 254 5.44 -13.66 22.69
N LEU A 255 5.08 -13.83 23.95
CA LEU A 255 5.08 -12.77 24.95
C LEU A 255 6.17 -13.09 25.95
N THR A 256 7.24 -12.31 25.94
CA THR A 256 8.33 -12.50 26.88
C THR A 256 8.21 -11.51 28.04
N ALA A 257 8.21 -12.02 29.26
CA ALA A 257 8.31 -11.20 30.46
C ALA A 257 9.77 -10.94 30.76
N VAL A 258 10.16 -9.67 30.88
CA VAL A 258 11.55 -9.29 31.06
C VAL A 258 11.77 -8.92 32.53
N SER A 259 12.77 -9.53 33.14
CA SER A 259 13.10 -9.28 34.53
C SER A 259 14.60 -9.43 34.73
N ALA A 260 15.20 -8.48 35.45
CA ALA A 260 16.61 -8.60 35.79
C ALA A 260 16.88 -9.80 36.69
N VAL A 261 15.92 -10.14 37.53
CA VAL A 261 16.09 -11.21 38.50
C VAL A 261 15.63 -12.55 37.94
N ALA A 262 14.48 -12.58 37.29
CA ALA A 262 13.83 -13.81 36.87
C ALA A 262 14.12 -14.19 35.42
N GLY A 263 15.00 -13.47 34.74
CA GLY A 263 15.27 -13.75 33.34
C GLY A 263 14.08 -13.36 32.48
N ASN A 264 14.21 -13.64 31.20
CA ASN A 264 13.20 -13.32 30.19
C ASN A 264 12.38 -14.57 29.95
N ILE A 265 11.20 -14.63 30.55
CA ILE A 265 10.35 -15.81 30.49
C ILE A 265 9.47 -15.69 29.23
N PRO A 266 9.72 -16.47 28.20
CA PRO A 266 8.85 -16.39 27.01
C PRO A 266 7.67 -17.33 27.17
N LEU A 267 6.50 -16.84 26.77
CA LEU A 267 5.30 -17.67 26.66
C LEU A 267 4.85 -17.68 25.20
N SER A 268 4.56 -18.86 24.69
CA SER A 268 4.14 -19.04 23.31
C SER A 268 2.64 -19.23 23.22
N GLY A 269 2.06 -18.88 22.08
CA GLY A 269 0.63 -19.04 21.91
C GLY A 269 0.15 -18.40 20.64
N GLU A 270 -1.17 -18.28 20.56
CA GLU A 270 -1.85 -17.74 19.40
C GLU A 270 -2.09 -16.24 19.57
N LEU A 271 -2.00 -15.52 18.47
CA LEU A 271 -2.27 -14.09 18.43
C LEU A 271 -3.35 -13.82 17.39
N LYS A 272 -4.26 -12.90 17.72
CA LYS A 272 -5.31 -12.48 16.81
C LYS A 272 -5.35 -10.96 16.81
N LEU A 273 -5.26 -10.36 15.62
CA LEU A 273 -5.58 -8.94 15.47
C LEU A 273 -7.00 -8.83 14.94
N HIS A 274 -7.71 -7.79 15.38
CA HIS A 274 -9.15 -7.81 15.13
C HIS A 274 -9.57 -6.92 13.97
N ASN A 275 -9.77 -5.63 14.25
CA ASN A 275 -10.47 -4.71 13.35
C ASN A 275 -9.47 -3.94 12.50
N PHE A 276 -9.20 -4.47 11.32
CA PHE A 276 -8.60 -3.70 10.25
C PHE A 276 -9.64 -3.40 9.19
N GLU A 277 -9.47 -2.25 8.57
CA GLU A 277 -10.30 -1.85 7.45
C GLU A 277 -9.51 -0.75 6.79
N MET A 278 -8.66 -1.10 5.83
CA MET A 278 -7.95 -0.08 5.09
C MET A 278 -8.97 0.94 4.57
N PRO A 279 -8.62 2.22 4.55
CA PRO A 279 -9.62 3.23 4.25
C PRO A 279 -9.90 3.34 2.77
N ALA A 280 -11.14 3.69 2.47
CA ALA A 280 -11.58 4.20 1.18
C ALA A 280 -10.68 5.35 0.72
N SER A 281 -10.66 5.62 -0.58
CA SER A 281 -10.02 6.84 -1.07
C SER A 281 -10.70 7.27 -2.35
N LEU A 282 -10.60 8.56 -2.63
CA LEU A 282 -11.19 9.16 -3.81
C LEU A 282 -10.06 9.87 -4.55
N VAL A 283 -9.90 9.53 -5.83
CA VAL A 283 -8.90 10.17 -6.68
C VAL A 283 -9.61 10.83 -7.84
N ALA A 284 -9.40 12.12 -8.02
CA ALA A 284 -9.87 12.87 -9.16
C ALA A 284 -8.67 13.47 -9.87
N GLY A 285 -8.68 13.45 -11.19
CA GLY A 285 -7.52 13.96 -11.88
C GLY A 285 -7.80 14.26 -13.34
N ILE A 286 -6.76 14.76 -14.00
CA ILE A 286 -6.88 15.25 -15.35
C ILE A 286 -5.58 14.97 -16.08
N SER A 287 -5.70 14.65 -17.37
CA SER A 287 -4.59 14.49 -18.30
C SER A 287 -4.78 15.40 -19.51
N HIS A 288 -3.72 16.10 -19.89
CA HIS A 288 -3.74 17.02 -21.02
C HIS A 288 -2.60 16.65 -21.94
N GLU A 289 -2.92 16.27 -23.16
CA GLU A 289 -1.93 15.80 -24.11
C GLU A 289 -1.82 16.85 -25.21
N PHE A 290 -0.83 17.76 -25.06
CA PHE A 290 -0.61 18.79 -26.08
C PHE A 290 -0.31 18.19 -27.45
N SER A 291 0.13 16.95 -27.48
CA SER A 291 0.45 16.19 -28.67
C SER A 291 0.68 14.76 -28.18
N ASP A 292 0.92 13.84 -29.10
CA ASP A 292 1.28 12.50 -28.66
C ASP A 292 2.65 12.48 -28.01
N GLN A 293 3.46 13.50 -28.25
CA GLN A 293 4.84 13.51 -27.78
C GLN A 293 5.00 14.16 -26.41
N PHE A 294 3.97 14.82 -25.88
CA PHE A 294 4.11 15.58 -24.64
C PHE A 294 2.77 15.66 -23.91
N ALA A 295 2.73 15.12 -22.69
CA ALA A 295 1.54 15.16 -21.85
C ALA A 295 1.90 15.65 -20.45
N VAL A 296 0.92 16.25 -19.76
CA VAL A 296 1.02 16.53 -18.33
C VAL A 296 -0.24 16.03 -17.65
N ALA A 297 -0.06 15.48 -16.45
CA ALA A 297 -1.17 14.95 -15.66
C ALA A 297 -1.10 15.54 -14.26
N PHE A 298 -2.26 15.67 -13.62
CA PHE A 298 -2.34 16.18 -12.26
C PHE A 298 -3.49 15.48 -11.57
N ASP A 299 -3.26 14.99 -10.35
CA ASP A 299 -4.29 14.26 -9.61
C ASP A 299 -4.39 14.78 -8.19
N TYR A 300 -5.61 14.74 -7.67
CA TYR A 300 -5.88 15.06 -6.29
C TYR A 300 -6.51 13.85 -5.63
N LYS A 301 -6.05 13.52 -4.43
CA LYS A 301 -6.57 12.33 -3.78
C LYS A 301 -6.78 12.56 -2.29
N ARG A 302 -7.94 12.14 -1.81
CA ARG A 302 -8.33 12.19 -0.42
C ARG A 302 -8.45 10.77 0.12
N VAL A 303 -7.65 10.44 1.14
CA VAL A 303 -7.71 9.14 1.79
C VAL A 303 -8.49 9.31 3.10
N TYR A 304 -9.49 8.45 3.31
CA TYR A 304 -10.47 8.68 4.38
C TYR A 304 -10.13 7.82 5.60
N TRP A 305 -9.01 8.16 6.25
CA TRP A 305 -8.68 7.55 7.53
C TRP A 305 -9.73 7.83 8.59
N SER A 306 -10.35 9.01 8.58
CA SER A 306 -11.24 9.38 9.68
C SER A 306 -12.44 8.45 9.76
N ASP A 307 -12.85 7.86 8.63
CA ASP A 307 -14.00 6.97 8.60
C ASP A 307 -13.65 5.51 8.84
N VAL A 308 -12.39 5.21 9.08
CA VAL A 308 -12.01 3.96 9.73
C VAL A 308 -12.21 4.16 11.23
N MET A 309 -13.22 3.50 11.81
CA MET A 309 -13.38 3.48 13.25
C MET A 309 -12.16 2.78 13.86
N ASP A 310 -12.06 2.74 15.19
CA ASP A 310 -10.77 2.51 15.81
C ASP A 310 -10.64 1.27 16.68
N ASP A 311 -11.73 0.53 16.89
CA ASP A 311 -11.74 -0.67 17.73
C ASP A 311 -10.64 -1.66 17.37
N ILE A 312 -9.38 -1.36 17.67
CA ILE A 312 -8.28 -2.19 17.15
C ILE A 312 -7.73 -3.10 18.25
N GLU A 313 -8.33 -4.29 18.38
CA GLU A 313 -8.03 -5.20 19.47
C GLU A 313 -6.86 -6.11 19.15
N VAL A 314 -6.13 -6.49 20.20
CA VAL A 314 -4.98 -7.39 20.12
C VAL A 314 -5.13 -8.40 21.23
N ASN A 315 -5.32 -9.67 20.87
CA ASN A 315 -5.53 -10.73 21.84
C ASN A 315 -4.47 -11.82 21.67
N PHE A 316 -3.86 -12.22 22.78
CA PHE A 316 -2.89 -13.29 22.82
C PHE A 316 -3.39 -14.35 23.79
N LYS A 317 -3.33 -15.61 23.40
CA LYS A 317 -3.81 -16.70 24.22
C LYS A 317 -2.68 -17.72 24.33
N GLN A 318 -2.24 -17.99 25.56
CA GLN A 318 -1.07 -18.82 25.80
C GLN A 318 -1.41 -20.28 25.54
N LYS A 319 -0.61 -20.93 24.68
CA LYS A 319 -1.04 -22.20 24.10
C LYS A 319 -1.03 -23.35 25.12
N ALA A 320 -0.24 -23.23 26.19
CA ALA A 320 -0.28 -24.25 27.23
C ALA A 320 -1.57 -24.16 28.03
N THR A 321 -1.84 -22.98 28.59
CA THR A 321 -2.90 -22.82 29.58
C THR A 321 -4.24 -22.48 28.95
N GLY A 322 -4.24 -21.67 27.90
CA GLY A 322 -5.42 -20.94 27.54
C GLY A 322 -5.57 -19.64 28.30
N ASP A 323 -4.54 -19.22 29.01
CA ASP A 323 -4.53 -17.93 29.68
C ASP A 323 -4.27 -16.83 28.65
N THR A 324 -5.09 -15.79 28.66
CA THR A 324 -5.05 -14.76 27.64
C THR A 324 -4.64 -13.42 28.22
N ILE A 325 -4.21 -12.55 27.32
CA ILE A 325 -3.97 -11.14 27.61
C ILE A 325 -4.60 -10.35 26.46
N ASN A 326 -5.43 -9.38 26.80
CA ASN A 326 -6.19 -8.64 25.80
C ASN A 326 -5.77 -7.18 25.83
N LEU A 327 -5.89 -6.53 24.69
CA LEU A 327 -5.24 -5.24 24.54
C LEU A 327 -5.94 -4.45 23.44
N LYS A 328 -6.37 -3.23 23.76
CA LYS A 328 -6.86 -2.29 22.77
C LYS A 328 -5.80 -1.19 22.56
N LEU A 329 -5.69 -0.69 21.32
CA LEU A 329 -4.86 0.47 20.97
C LEU A 329 -5.59 1.41 20.03
N PRO A 330 -6.81 1.86 20.37
CA PRO A 330 -7.56 2.65 19.39
C PRO A 330 -6.80 3.90 19.01
N PHE A 331 -6.14 3.90 17.84
CA PHE A 331 -5.38 5.06 17.39
C PHE A 331 -6.07 5.69 16.18
N ASN A 332 -6.53 6.93 16.37
CA ASN A 332 -7.30 7.64 15.35
C ASN A 332 -6.37 8.34 14.37
N TYR A 333 -6.76 8.33 13.11
CA TYR A 333 -6.05 9.05 12.07
C TYR A 333 -7.00 10.02 11.40
N ARG A 334 -6.44 11.08 10.83
CA ARG A 334 -7.22 12.08 10.12
C ARG A 334 -7.10 11.84 8.62
N ASP A 335 -8.00 12.44 7.85
CA ASP A 335 -7.94 12.27 6.41
C ASP A 335 -6.62 12.79 5.88
N THR A 336 -6.23 12.29 4.71
CA THR A 336 -5.01 12.71 4.03
C THR A 336 -5.38 13.21 2.64
N ASN A 337 -4.75 14.32 2.25
CA ASN A 337 -4.80 14.79 0.87
C ASN A 337 -3.47 14.50 0.20
N VAL A 338 -3.54 14.12 -1.07
CA VAL A 338 -2.35 13.94 -1.88
C VAL A 338 -2.56 14.67 -3.19
N TYR A 339 -1.52 15.38 -3.62
CA TYR A 339 -1.49 16.05 -4.91
C TYR A 339 -0.35 15.47 -5.71
N SER A 340 -0.64 15.06 -6.94
CA SER A 340 0.33 14.45 -7.86
C SER A 340 0.40 15.24 -9.17
N LEU A 341 1.62 15.54 -9.60
CA LEU A 341 1.87 16.32 -10.80
C LEU A 341 3.06 15.73 -11.54
N GLY A 342 2.86 15.34 -12.81
CA GLY A 342 3.96 14.84 -13.62
C GLY A 342 3.80 15.17 -15.09
N ALA A 343 4.88 14.89 -15.86
CA ALA A 343 4.93 15.15 -17.30
C ALA A 343 5.69 14.04 -18.01
N GLN A 344 5.41 13.89 -19.31
CA GLN A 344 5.98 12.84 -20.15
C GLN A 344 6.33 13.39 -21.51
N TYR A 345 7.57 13.18 -21.97
CA TYR A 345 8.05 13.60 -23.28
C TYR A 345 8.48 12.36 -24.07
N ARG A 346 7.80 12.11 -25.19
CA ARG A 346 8.16 11.04 -26.13
C ARG A 346 9.27 11.55 -27.05
N TYR A 347 10.46 10.99 -26.93
CA TYR A 347 11.65 11.42 -27.67
C TYR A 347 12.06 10.32 -28.65
N GLY A 348 11.76 10.53 -29.92
CA GLY A 348 12.00 9.51 -30.93
C GLY A 348 10.98 8.40 -30.83
N ALA A 349 11.29 7.30 -31.52
CA ALA A 349 10.39 6.15 -31.53
C ALA A 349 10.60 5.19 -30.35
N ASN A 350 11.69 5.30 -29.58
CA ASN A 350 11.98 4.32 -28.55
C ASN A 350 12.01 4.86 -27.12
N TRP A 351 12.23 6.15 -26.93
CA TRP A 351 12.46 6.72 -25.61
C TRP A 351 11.29 7.57 -25.16
N VAL A 352 10.90 7.40 -23.90
CA VAL A 352 9.92 8.25 -23.23
C VAL A 352 10.54 8.70 -21.92
N PHE A 353 10.41 9.99 -21.60
CA PHE A 353 10.99 10.54 -20.37
C PHE A 353 9.92 11.16 -19.49
N ARG A 354 10.01 10.92 -18.18
CA ARG A 354 8.98 11.34 -17.24
C ARG A 354 9.60 12.05 -16.03
N ALA A 355 8.81 12.92 -15.39
CA ALA A 355 9.21 13.56 -14.15
C ALA A 355 7.95 13.94 -13.38
N GLY A 356 8.06 14.00 -12.05
CA GLY A 356 6.87 14.25 -11.24
C GLY A 356 7.18 14.79 -9.86
N VAL A 357 6.15 15.36 -9.25
CA VAL A 357 6.21 15.86 -7.89
C VAL A 357 5.02 15.30 -7.12
N HIS A 358 5.25 14.93 -5.88
CA HIS A 358 4.24 14.31 -5.04
C HIS A 358 4.21 15.05 -3.69
N TYR A 359 3.01 15.36 -3.21
CA TYR A 359 2.85 16.11 -1.95
C TYR A 359 1.66 15.55 -1.19
N ALA A 360 1.93 15.00 -0.01
CA ALA A 360 0.93 14.40 0.85
C ALA A 360 0.88 15.15 2.18
N GLN A 361 -0.32 15.41 2.68
CA GLN A 361 -0.48 16.20 3.89
C GLN A 361 -1.83 15.87 4.51
N LEU A 362 -1.91 15.96 5.83
CA LEU A 362 -3.17 15.74 6.53
C LEU A 362 -4.19 16.78 6.07
N ALA A 363 -5.45 16.53 6.43
CA ALA A 363 -6.57 17.07 5.68
C ALA A 363 -7.32 18.13 6.47
N ASN A 364 -8.16 18.86 5.73
CA ASN A 364 -9.07 19.83 6.33
C ASN A 364 -10.37 19.15 6.68
N PRO A 365 -10.77 19.12 7.97
CA PRO A 365 -12.02 18.56 8.49
C PRO A 365 -13.20 19.50 8.30
N PRO A 374 -1.93 20.43 12.57
CA PRO A 374 -0.54 20.85 12.37
C PRO A 374 0.39 19.65 12.25
N SER A 375 0.90 19.44 11.04
CA SER A 375 1.68 18.25 10.73
C SER A 375 2.64 18.57 9.59
N THR A 376 3.81 17.94 9.62
CA THR A 376 4.77 18.11 8.53
C THR A 376 4.32 17.29 7.33
N PRO A 377 4.29 17.87 6.14
CA PRO A 377 3.90 17.11 4.95
C PRO A 377 5.06 16.26 4.43
N THR A 378 4.71 15.24 3.65
CA THR A 378 5.73 14.46 2.97
C THR A 378 5.75 14.87 1.51
N THR A 379 6.95 15.16 1.00
CA THR A 379 7.13 15.54 -0.40
C THR A 379 8.02 14.51 -1.08
N SER A 380 7.77 14.27 -2.36
CA SER A 380 8.64 13.38 -3.10
C SER A 380 8.80 13.88 -4.53
N LEU A 381 10.01 13.72 -5.06
CA LEU A 381 10.34 14.04 -6.44
C LEU A 381 10.63 12.74 -7.19
N SER A 382 10.21 12.66 -8.45
CA SER A 382 10.36 11.44 -9.23
C SER A 382 10.81 11.73 -10.66
N GLY A 383 11.43 10.71 -11.25
CA GLY A 383 11.77 10.70 -12.66
C GLY A 383 11.72 9.29 -13.18
N GLY A 384 11.76 9.16 -14.51
CA GLY A 384 11.72 7.85 -15.12
C GLY A 384 11.82 7.93 -16.63
N PHE A 385 11.88 6.76 -17.23
CA PHE A 385 12.05 6.62 -18.66
C PHE A 385 11.45 5.30 -19.10
N SER A 386 11.17 5.22 -20.40
CA SER A 386 10.76 3.98 -21.05
C SER A 386 11.59 3.78 -22.30
N TYR A 387 11.87 2.52 -22.59
CA TYR A 387 12.52 2.12 -23.83
C TYR A 387 11.69 1.02 -24.46
N ALA A 388 11.46 1.14 -25.77
CA ALA A 388 10.75 0.12 -26.53
C ALA A 388 11.79 -0.62 -27.37
N PHE A 389 12.04 -1.88 -27.04
CA PHE A 389 12.94 -2.69 -27.84
C PHE A 389 12.32 -3.14 -29.15
N SER A 390 10.99 -3.01 -29.27
CA SER A 390 10.21 -3.53 -30.39
C SER A 390 8.79 -3.02 -30.22
N PRO A 391 7.90 -3.22 -31.20
CA PRO A 391 6.49 -2.84 -30.98
C PRO A 391 5.83 -3.66 -29.89
N GLU A 392 6.43 -4.77 -29.48
CA GLU A 392 5.83 -5.69 -28.55
C GLU A 392 6.43 -5.65 -27.16
N ASP A 393 7.59 -4.99 -27.00
CA ASP A 393 8.44 -5.14 -25.82
C ASP A 393 8.86 -3.78 -25.28
N VAL A 394 8.48 -3.48 -24.05
CA VAL A 394 8.77 -2.15 -23.51
C VAL A 394 9.29 -2.29 -22.07
N VAL A 395 10.35 -1.55 -21.76
CA VAL A 395 10.88 -1.47 -20.40
C VAL A 395 10.57 -0.09 -19.85
N ASP A 396 10.10 -0.06 -18.60
CA ASP A 396 9.80 1.17 -17.90
C ASP A 396 10.60 1.19 -16.60
N PHE A 397 11.05 2.39 -16.21
CA PHE A 397 11.91 2.51 -15.04
C PHE A 397 11.62 3.83 -14.33
N SER A 398 11.72 3.78 -13.00
CA SER A 398 11.25 4.87 -12.15
C SER A 398 12.14 5.00 -10.92
N LEU A 399 12.42 6.23 -10.53
CA LEU A 399 13.13 6.54 -9.30
C LEU A 399 12.41 7.67 -8.57
N ALA A 400 12.13 7.47 -7.28
CA ALA A 400 11.42 8.48 -6.49
C ALA A 400 12.10 8.66 -5.16
N TYR A 401 12.38 9.91 -4.80
CA TYR A 401 13.00 10.28 -3.54
C TYR A 401 11.96 11.02 -2.70
N GLY A 402 11.63 10.47 -1.54
CA GLY A 402 10.71 11.12 -0.61
C GLY A 402 11.36 11.50 0.72
N PHE A 403 10.75 12.45 1.42
CA PHE A 403 11.28 13.05 2.64
C PHE A 403 10.11 13.42 3.54
N LYS A 404 10.26 13.16 4.83
CA LYS A 404 9.27 13.55 5.83
C LYS A 404 9.98 14.25 6.98
N LYS A 405 9.23 15.08 7.70
CA LYS A 405 9.70 15.76 8.91
C LYS A 405 11.05 16.44 8.73
N GLU A 420 12.39 16.30 16.18
CA GLU A 420 13.66 15.97 15.57
C GLU A 420 13.65 14.56 14.97
N VAL A 421 13.17 14.44 13.74
CA VAL A 421 13.18 13.18 12.99
C VAL A 421 13.29 13.52 11.51
N SER A 422 14.12 12.77 10.79
CA SER A 422 14.25 12.95 9.36
C SER A 422 14.11 11.59 8.69
N HIS A 423 13.29 11.52 7.65
CA HIS A 423 12.96 10.26 7.00
C HIS A 423 13.22 10.39 5.50
N SER A 424 14.07 9.52 4.96
CA SER A 424 14.44 9.54 3.56
C SER A 424 14.15 8.18 2.93
N GLN A 425 13.57 8.19 1.72
CA GLN A 425 13.13 6.95 1.12
C GLN A 425 13.27 7.00 -0.39
N ILE A 426 13.86 5.95 -0.96
CA ILE A 426 14.09 5.85 -2.40
C ILE A 426 13.38 4.61 -2.90
N VAL A 427 12.49 4.81 -3.87
CA VAL A 427 11.71 3.73 -4.46
C VAL A 427 12.15 3.61 -5.92
N THR A 428 12.79 2.49 -6.24
CA THR A 428 13.17 2.18 -7.60
C THR A 428 12.11 1.24 -8.19
N SER A 429 11.60 1.58 -9.37
CA SER A 429 10.52 0.84 -9.97
C SER A 429 10.89 0.48 -11.40
N ILE A 430 10.72 -0.78 -11.75
CA ILE A 430 11.14 -1.29 -13.05
C ILE A 430 10.10 -2.30 -13.50
N SER A 431 9.73 -2.24 -14.78
CA SER A 431 8.74 -3.18 -15.30
C SER A 431 9.04 -3.51 -16.75
N TYR A 432 8.56 -4.68 -17.16
CA TYR A 432 8.65 -5.12 -18.54
C TYR A 432 7.24 -5.51 -19.00
N THR A 433 6.87 -5.06 -20.19
CA THR A 433 5.56 -5.37 -20.76
C THR A 433 5.77 -5.99 -22.13
N LYS A 434 5.18 -7.15 -22.30
CA LYS A 434 5.17 -7.85 -23.57
C LYS A 434 3.75 -7.80 -24.07
N SER A 435 3.56 -7.23 -25.25
CA SER A 435 2.24 -7.06 -25.85
C SER A 435 2.15 -7.88 -27.13
N PHE A 436 1.16 -8.77 -27.19
CA PHE A 436 0.81 -9.49 -28.40
C PHE A 436 -0.47 -8.88 -28.95
N HIS A 437 -0.40 -8.30 -30.14
CA HIS A 437 -1.54 -7.54 -30.63
C HIS A 437 -2.54 -8.47 -31.31
N HIS A 438 -3.72 -7.92 -31.60
CA HIS A 438 -4.69 -8.72 -32.33
C HIS A 438 -5.44 -7.90 -33.38
N HIS A 439 -6.23 -6.93 -32.94
CA HIS A 439 -7.11 -6.10 -33.80
C HIS A 439 -7.70 -6.91 -34.96
N HIS A 440 -8.34 -8.03 -34.61
CA HIS A 440 -8.89 -8.99 -35.57
C HIS A 440 -7.80 -9.56 -36.46
#